data_3BKX
#
_entry.id   3BKX
#
_cell.length_a   84.136
_cell.length_b   42.381
_cell.length_c   154.014
_cell.angle_alpha   90.000
_cell.angle_beta   103.870
_cell.angle_gamma   90.000
#
_symmetry.space_group_name_H-M   'C 1 2 1'
#
loop_
_entity.id
_entity.type
_entity.pdbx_description
1 polymer 'SAM-dependent methyltransferase'
2 non-polymer 'CHLORIDE ION'
3 water water
#
_entity_poly.entity_id   1
_entity_poly.type   'polypeptide(L)'
_entity_poly.pdbx_seq_one_letter_code
;G(MSE)EKRLDYITDL(MSE)ALGPTANARTIQRRQTAHRLAIAEAWQVKPGEKILEIGCGQGDLSAVLADQVGSSGHVT
GIDIASPDYGAPLTLGQAWNHLLAGPLGDRLTVHFNTNLSDDLGPIADQHFDRVVLAHSLWYFASANALALLFKN(MSE)
AAVCDHVDVAEWS(MSE)QPTALDQIGHLQAA(MSE)IQGLLYAIAPSDVANIRTLITPDTLAQIAHDNTWTYTAGTIVE
DPTLDDAHWEIATTNALLTELKLSTDLRDRVKPLLEA(MSE)SHNGTASLATFTGRITF
;
_entity_poly.pdbx_strand_id   A,B
#
# COMPACT_ATOMS: atom_id res chain seq x y z
N GLU A 3 6.78 34.45 -0.35
CA GLU A 3 7.10 35.42 -1.38
C GLU A 3 5.84 36.27 -1.66
N LYS A 4 6.10 37.54 -1.94
CA LYS A 4 5.13 38.46 -2.55
C LYS A 4 4.53 37.81 -3.79
N ARG A 5 5.38 37.11 -4.55
CA ARG A 5 4.99 36.45 -5.82
C ARG A 5 4.01 35.29 -5.68
N LEU A 6 4.20 34.48 -4.64
CA LEU A 6 3.24 33.44 -4.22
C LEU A 6 1.91 34.06 -3.91
N ASP A 7 1.94 35.10 -3.08
CA ASP A 7 0.71 35.81 -2.74
C ASP A 7 0.09 36.53 -3.95
N TYR A 8 0.90 37.11 -4.84
CA TYR A 8 0.41 37.77 -6.04
C TYR A 8 -0.41 36.81 -6.88
N ILE A 9 0.16 35.64 -7.15
CA ILE A 9 -0.50 34.66 -8.03
C ILE A 9 -1.68 33.98 -7.34
N THR A 10 -1.55 33.68 -6.06
CA THR A 10 -2.66 33.14 -5.28
C THR A 10 -3.91 34.05 -5.42
N ASP A 11 -3.68 35.35 -5.26
CA ASP A 11 -4.72 36.39 -5.37
C ASP A 11 -5.33 36.65 -6.74
N LEU A 12 -4.72 36.07 -7.75
CA LEU A 12 -5.31 36.03 -9.08
C LEU A 12 -6.35 34.92 -9.31
N ALA A 14 -9.77 32.59 -8.76
CA ALA A 14 -11.14 32.51 -8.26
C ALA A 14 -11.17 31.64 -6.99
N LEU A 15 -11.70 32.15 -5.88
CA LEU A 15 -11.89 31.31 -4.66
C LEU A 15 -13.37 30.92 -4.38
N GLY A 16 -13.56 29.73 -3.81
CA GLY A 16 -14.83 29.37 -3.21
C GLY A 16 -15.02 30.19 -1.92
N PRO A 17 -16.22 30.08 -1.31
CA PRO A 17 -16.58 30.96 -0.21
C PRO A 17 -16.23 30.43 1.20
N THR A 18 -15.64 29.23 1.27
CA THR A 18 -15.42 28.58 2.55
C THR A 18 -14.17 29.14 3.21
N ALA A 19 -14.09 28.91 4.52
CA ALA A 19 -13.13 29.56 5.41
C ALA A 19 -11.71 29.36 4.94
N ASN A 20 -11.36 28.12 4.65
CA ASN A 20 -9.99 27.82 4.32
C ASN A 20 -9.66 27.94 2.82
N ALA A 21 -10.51 28.59 2.01
CA ALA A 21 -10.30 28.59 0.56
C ALA A 21 -8.92 29.10 0.15
N ARG A 22 -8.51 30.26 0.68
CA ARG A 22 -7.27 30.91 0.24
C ARG A 22 -6.03 30.18 0.75
N THR A 23 -6.08 29.68 1.98
CA THR A 23 -4.95 28.94 2.51
C THR A 23 -4.75 27.62 1.72
N ILE A 24 -5.83 26.96 1.30
CA ILE A 24 -5.75 25.76 0.45
C ILE A 24 -5.19 26.18 -0.90
N GLN A 25 -5.79 27.22 -1.48
CA GLN A 25 -5.31 27.68 -2.78
C GLN A 25 -3.82 28.05 -2.74
N ARG A 26 -3.38 28.73 -1.69
CA ARG A 26 -1.96 29.18 -1.60
C ARG A 26 -0.96 28.03 -1.59
N ARG A 27 -1.32 26.94 -0.90
CA ARG A 27 -0.53 25.70 -0.97
C ARG A 27 -0.51 25.10 -2.36
N GLN A 28 -1.65 25.08 -3.04
CA GLN A 28 -1.71 24.55 -4.40
C GLN A 28 -0.85 25.38 -5.30
N THR A 29 -0.95 26.69 -5.14
CA THR A 29 -0.15 27.60 -5.95
C THR A 29 1.34 27.46 -5.68
N ALA A 30 1.75 27.39 -4.42
CA ALA A 30 3.19 27.19 -4.07
C ALA A 30 3.82 25.93 -4.70
N HIS A 31 3.05 24.85 -4.78
CA HIS A 31 3.48 23.57 -5.33
C HIS A 31 3.70 23.70 -6.83
N ARG A 32 2.83 24.42 -7.53
CA ARG A 32 3.02 24.66 -8.98
C ARG A 32 4.21 25.57 -9.26
N LEU A 33 4.47 26.57 -8.41
CA LEU A 33 5.74 27.35 -8.52
C LEU A 33 6.99 26.47 -8.36
N ALA A 34 6.92 25.47 -7.47
CA ALA A 34 8.05 24.58 -7.19
C ALA A 34 8.31 23.72 -8.39
N ILE A 35 7.22 23.25 -8.98
CA ILE A 35 7.27 22.41 -10.18
C ILE A 35 7.85 23.19 -11.35
N ALA A 36 7.31 24.39 -11.57
CA ALA A 36 7.87 25.35 -12.57
C ALA A 36 9.35 25.63 -12.39
N GLU A 37 9.75 25.88 -11.14
CA GLU A 37 11.18 26.02 -10.80
C GLU A 37 11.98 24.73 -11.15
N ALA A 38 11.42 23.55 -10.85
CA ALA A 38 12.13 22.28 -11.18
C ALA A 38 12.35 22.16 -12.68
N TRP A 39 11.32 22.47 -13.45
CA TRP A 39 11.38 22.47 -14.91
C TRP A 39 12.24 23.59 -15.54
N GLN A 40 12.55 24.61 -14.76
CA GLN A 40 13.34 25.76 -15.20
CA GLN A 40 13.35 25.76 -15.19
C GLN A 40 12.63 26.51 -16.32
N VAL A 41 11.32 26.69 -16.16
CA VAL A 41 10.55 27.51 -17.10
C VAL A 41 11.09 28.97 -17.12
N LYS A 42 11.36 29.46 -18.33
CA LYS A 42 11.98 30.77 -18.59
C LYS A 42 10.96 31.82 -19.15
N PRO A 43 11.24 33.11 -18.94
CA PRO A 43 10.41 34.10 -19.63
C PRO A 43 10.44 33.93 -21.16
N GLY A 44 9.30 34.12 -21.81
CA GLY A 44 9.23 34.07 -23.28
C GLY A 44 8.64 32.82 -23.88
N GLU A 45 8.53 31.76 -23.09
CA GLU A 45 8.13 30.49 -23.64
C GLU A 45 6.66 30.46 -23.96
N LYS A 46 6.35 29.64 -24.95
CA LYS A 46 5.02 29.25 -25.35
C LYS A 46 4.83 27.81 -24.90
N ILE A 47 3.87 27.57 -24.04
CA ILE A 47 3.76 26.28 -23.33
C ILE A 47 2.36 25.74 -23.55
N LEU A 48 2.28 24.42 -23.71
CA LEU A 48 1.01 23.67 -23.79
C LEU A 48 0.93 22.76 -22.58
N GLU A 49 -0.18 22.84 -21.83
CA GLU A 49 -0.35 22.11 -20.58
C GLU A 49 -1.48 21.12 -20.78
N ILE A 50 -1.18 19.83 -20.67
CA ILE A 50 -2.20 18.77 -20.75
C ILE A 50 -2.73 18.42 -19.34
N GLY A 51 -4.03 18.61 -19.16
CA GLY A 51 -4.66 18.33 -17.89
C GLY A 51 -4.77 19.54 -17.01
N CYS A 52 -5.15 20.68 -17.60
CA CYS A 52 -5.04 21.95 -16.86
C CYS A 52 -5.99 22.15 -15.73
N GLY A 53 -7.10 21.40 -15.72
CA GLY A 53 -8.13 21.61 -14.71
C GLY A 53 -8.51 23.07 -14.55
N GLN A 54 -8.56 23.56 -13.29
CA GLN A 54 -8.97 24.92 -12.99
C GLN A 54 -7.85 25.97 -13.18
N GLY A 55 -6.69 25.57 -13.71
CA GLY A 55 -5.66 26.55 -14.05
C GLY A 55 -4.62 26.88 -13.00
N ASP A 56 -4.53 26.10 -11.92
CA ASP A 56 -3.55 26.37 -10.85
C ASP A 56 -2.13 26.45 -11.40
N LEU A 57 -1.76 25.50 -12.28
CA LEU A 57 -0.44 25.52 -12.92
C LEU A 57 -0.39 26.51 -14.07
N SER A 58 -1.47 26.59 -14.87
CA SER A 58 -1.50 27.49 -16.03
C SER A 58 -1.27 28.95 -15.58
N ALA A 59 -1.89 29.33 -14.47
CA ALA A 59 -1.77 30.70 -13.92
C ALA A 59 -0.33 30.95 -13.54
N VAL A 60 0.29 29.96 -12.87
CA VAL A 60 1.69 30.07 -12.47
C VAL A 60 2.63 30.17 -13.69
N LEU A 61 2.42 29.32 -14.67
CA LEU A 61 3.24 29.39 -15.89
C LEU A 61 3.04 30.70 -16.66
N ALA A 62 1.82 31.22 -16.71
CA ALA A 62 1.54 32.47 -17.38
C ALA A 62 2.35 33.62 -16.75
N ASP A 63 2.40 33.64 -15.43
CA ASP A 63 3.22 34.62 -14.71
C ASP A 63 4.69 34.45 -15.05
N GLN A 64 5.16 33.20 -15.03
CA GLN A 64 6.57 32.89 -15.25
C GLN A 64 7.07 33.25 -16.64
N VAL A 65 6.27 33.04 -17.68
CA VAL A 65 6.68 33.28 -19.06
C VAL A 65 6.61 34.75 -19.45
N GLY A 66 5.96 35.58 -18.64
CA GLY A 66 5.94 37.01 -18.88
C GLY A 66 4.96 37.44 -19.98
N SER A 67 4.82 38.75 -20.18
CA SER A 67 3.84 39.28 -21.15
C SER A 67 4.00 38.89 -22.59
N SER A 68 5.19 38.43 -22.98
CA SER A 68 5.45 37.92 -24.34
C SER A 68 5.34 36.39 -24.50
N GLY A 69 5.08 35.70 -23.39
CA GLY A 69 4.92 34.25 -23.39
C GLY A 69 3.45 33.94 -23.57
N HIS A 70 3.13 32.66 -23.71
CA HIS A 70 1.75 32.23 -23.76
C HIS A 70 1.66 30.80 -23.20
N VAL A 71 0.48 30.49 -22.64
CA VAL A 71 0.22 29.20 -22.02
C VAL A 71 -1.16 28.78 -22.48
N THR A 72 -1.23 27.59 -23.06
CA THR A 72 -2.50 26.98 -23.55
C THR A 72 -2.81 25.74 -22.70
N GLY A 73 -3.96 25.73 -22.02
CA GLY A 73 -4.36 24.63 -21.17
C GLY A 73 -5.34 23.79 -21.96
N ILE A 74 -5.14 22.47 -21.90
CA ILE A 74 -6.03 21.46 -22.49
C ILE A 74 -6.66 20.58 -21.38
N ASP A 75 -7.97 20.34 -21.48
CA ASP A 75 -8.64 19.42 -20.54
C ASP A 75 -9.78 18.71 -21.25
N ILE A 76 -9.99 17.42 -20.91
CA ILE A 76 -11.08 16.63 -21.51
C ILE A 76 -12.40 16.99 -20.87
N ALA A 77 -12.33 17.61 -19.68
CA ALA A 77 -13.51 17.99 -18.94
C ALA A 77 -14.26 19.16 -19.62
N SER A 78 -15.57 19.23 -19.34
CA SER A 78 -16.40 20.35 -19.69
C SER A 78 -16.13 21.59 -18.82
N PRO A 79 -16.41 22.79 -19.36
CA PRO A 79 -16.35 24.04 -18.57
C PRO A 79 -17.39 24.10 -17.45
N ASP A 80 -18.45 23.33 -17.54
CA ASP A 80 -19.53 23.35 -16.54
C ASP A 80 -19.29 22.32 -15.42
N TYR A 81 -18.14 21.67 -15.45
CA TYR A 81 -17.72 20.76 -14.41
C TYR A 81 -17.17 21.50 -13.19
N GLY A 82 -17.56 21.06 -12.00
CA GLY A 82 -16.95 21.55 -10.76
C GLY A 82 -17.94 22.25 -9.88
N ALA A 83 -17.65 22.21 -8.58
CA ALA A 83 -18.34 22.94 -7.54
C ALA A 83 -17.34 23.09 -6.39
N PRO A 84 -17.38 24.22 -5.68
CA PRO A 84 -18.32 25.34 -5.84
C PRO A 84 -18.14 26.20 -7.11
N LEU A 85 -16.95 26.24 -7.69
CA LEU A 85 -16.68 26.97 -8.95
C LEU A 85 -16.53 25.99 -10.06
N THR A 86 -17.16 26.20 -11.21
CA THR A 86 -16.90 25.32 -12.37
C THR A 86 -15.53 25.63 -12.98
N LEU A 87 -15.00 24.73 -13.82
CA LEU A 87 -13.71 24.98 -14.48
C LEU A 87 -13.73 26.22 -15.40
N GLY A 88 -14.86 26.49 -16.00
CA GLY A 88 -15.04 27.68 -16.81
C GLY A 88 -15.15 28.96 -15.99
N GLN A 89 -15.82 28.92 -14.84
CA GLN A 89 -15.79 30.09 -13.93
C GLN A 89 -14.37 30.43 -13.51
N ALA A 90 -13.59 29.39 -13.20
CA ALA A 90 -12.20 29.56 -12.85
C ALA A 90 -11.35 30.17 -13.96
N TRP A 91 -11.50 29.65 -15.17
CA TRP A 91 -10.78 30.18 -16.34
C TRP A 91 -11.24 31.58 -16.76
N ASN A 92 -12.54 31.81 -16.80
CA ASN A 92 -13.03 33.13 -17.16
C ASN A 92 -12.54 34.21 -16.18
N HIS A 93 -12.30 33.81 -14.94
CA HIS A 93 -11.71 34.68 -13.96
C HIS A 93 -10.27 34.99 -14.33
N LEU A 94 -9.55 33.97 -14.76
CA LEU A 94 -8.18 34.18 -15.20
C LEU A 94 -8.14 35.02 -16.48
N LEU A 95 -9.02 34.71 -17.42
CA LEU A 95 -9.05 35.40 -18.72
C LEU A 95 -9.46 36.87 -18.60
N ALA A 96 -10.24 37.19 -17.58
CA ALA A 96 -10.69 38.59 -17.35
C ALA A 96 -9.72 39.36 -16.48
N GLY A 97 -8.63 38.71 -16.07
CA GLY A 97 -7.67 39.30 -15.17
C GLY A 97 -6.36 39.68 -15.85
N PRO A 98 -5.35 40.07 -15.05
CA PRO A 98 -4.06 40.59 -15.50
C PRO A 98 -3.24 39.66 -16.35
N LEU A 99 -3.39 38.34 -16.18
CA LEU A 99 -2.66 37.37 -16.98
C LEU A 99 -3.50 36.90 -18.14
N GLY A 100 -4.70 37.46 -18.31
CA GLY A 100 -5.62 36.93 -19.32
C GLY A 100 -5.12 36.82 -20.75
N ASP A 101 -4.36 37.83 -21.20
CA ASP A 101 -3.85 37.87 -22.57
C ASP A 101 -2.80 36.83 -22.85
N ARG A 102 -2.21 36.26 -21.79
CA ARG A 102 -1.21 35.19 -21.90
C ARG A 102 -1.82 33.78 -21.90
N LEU A 103 -3.15 33.65 -21.81
CA LEU A 103 -3.82 32.39 -21.53
C LEU A 103 -4.92 32.03 -22.54
N THR A 104 -4.95 30.73 -22.88
CA THR A 104 -5.96 30.11 -23.72
C THR A 104 -6.34 28.78 -23.08
N VAL A 105 -7.60 28.37 -23.20
CA VAL A 105 -8.04 27.07 -22.69
C VAL A 105 -8.92 26.34 -23.68
N HIS A 106 -8.61 25.06 -23.89
CA HIS A 106 -9.46 24.17 -24.72
C HIS A 106 -10.06 23.04 -23.89
N PHE A 107 -11.34 23.16 -23.56
CA PHE A 107 -12.08 22.14 -22.81
C PHE A 107 -12.63 21.13 -23.78
N ASN A 108 -13.21 20.06 -23.25
CA ASN A 108 -13.75 18.96 -24.10
C ASN A 108 -12.75 18.51 -25.18
N THR A 109 -11.46 18.53 -24.85
CA THR A 109 -10.41 18.31 -25.84
C THR A 109 -9.49 17.17 -25.41
N ASN A 110 -9.36 16.19 -26.30
CA ASN A 110 -8.45 15.07 -26.17
C ASN A 110 -7.46 15.10 -27.34
N LEU A 111 -6.21 15.44 -27.08
CA LEU A 111 -5.21 15.63 -28.14
C LEU A 111 -4.52 14.36 -28.59
N SER A 112 -4.83 13.21 -28.02
CA SER A 112 -4.33 11.96 -28.57
CA SER A 112 -4.34 11.95 -28.56
C SER A 112 -5.19 11.60 -29.78
N ASP A 113 -6.49 11.86 -29.69
CA ASP A 113 -7.40 11.73 -30.84
C ASP A 113 -6.75 12.33 -32.10
N ASP A 114 -6.40 13.62 -31.98
CA ASP A 114 -5.75 14.40 -33.04
C ASP A 114 -5.49 15.83 -32.50
N LEU A 115 -4.55 16.54 -33.12
CA LEU A 115 -4.10 17.85 -32.61
C LEU A 115 -5.19 18.95 -32.59
N GLY A 116 -6.33 18.73 -33.24
CA GLY A 116 -7.47 19.67 -33.25
C GLY A 116 -7.15 21.15 -33.05
N PRO A 117 -7.51 21.71 -31.88
CA PRO A 117 -7.39 23.15 -31.63
C PRO A 117 -5.96 23.72 -31.54
N ILE A 118 -4.95 22.87 -31.39
CA ILE A 118 -3.54 23.32 -31.47
C ILE A 118 -2.82 22.76 -32.72
N ALA A 119 -3.60 22.42 -33.74
CA ALA A 119 -3.13 21.64 -34.90
C ALA A 119 -1.92 22.13 -35.68
N ASP A 120 -1.68 23.44 -35.73
CA ASP A 120 -0.57 23.93 -36.54
C ASP A 120 0.42 24.76 -35.76
N GLN A 121 0.37 24.63 -34.44
CA GLN A 121 1.21 25.41 -33.56
C GLN A 121 2.42 24.61 -33.08
N HIS A 122 3.46 25.32 -32.67
CA HIS A 122 4.57 24.72 -31.96
C HIS A 122 4.81 25.39 -30.60
N PHE A 123 5.38 24.63 -29.67
CA PHE A 123 5.51 25.08 -28.29
C PHE A 123 6.95 24.89 -27.89
N ASP A 124 7.43 25.75 -26.99
CA ASP A 124 8.78 25.55 -26.39
C ASP A 124 8.75 24.39 -25.39
N ARG A 125 7.57 24.06 -24.88
CA ARG A 125 7.42 23.09 -23.81
C ARG A 125 5.99 22.58 -23.85
N VAL A 126 5.80 21.25 -23.75
CA VAL A 126 4.50 20.67 -23.41
C VAL A 126 4.72 20.09 -22.00
N VAL A 127 3.79 20.37 -21.09
CA VAL A 127 3.90 19.98 -19.70
C VAL A 127 2.62 19.26 -19.19
N LEU A 128 2.83 18.38 -18.21
CA LEU A 128 1.77 17.68 -17.47
C LEU A 128 2.16 17.69 -15.99
N ALA A 129 1.30 18.18 -15.11
CA ALA A 129 1.53 18.08 -13.66
C ALA A 129 0.30 17.45 -12.94
N HIS A 130 0.52 16.28 -12.34
CA HIS A 130 -0.52 15.49 -11.67
C HIS A 130 -1.71 15.06 -12.54
N SER A 131 -1.52 15.01 -13.85
CA SER A 131 -2.49 14.45 -14.79
C SER A 131 -2.11 13.06 -15.29
N LEU A 132 -0.91 12.57 -14.96
CA LEU A 132 -0.46 11.26 -15.47
C LEU A 132 -1.31 10.05 -14.99
N TRP A 133 -1.76 10.14 -13.73
CA TRP A 133 -2.45 9.03 -13.08
C TRP A 133 -3.87 8.82 -13.57
N TYR A 134 -4.33 9.79 -14.35
CA TYR A 134 -5.68 9.80 -14.88
C TYR A 134 -5.77 9.17 -16.25
N PHE A 135 -4.63 8.82 -16.84
CA PHE A 135 -4.65 8.16 -18.15
C PHE A 135 -5.19 6.76 -18.02
N ALA A 136 -5.86 6.31 -19.07
CA ALA A 136 -6.49 4.97 -19.16
C ALA A 136 -5.51 3.82 -18.97
N SER A 137 -4.28 4.04 -19.39
CA SER A 137 -3.26 3.03 -19.47
C SER A 137 -1.98 3.72 -19.80
N ALA A 138 -0.88 2.98 -19.72
CA ALA A 138 0.44 3.49 -20.00
C ALA A 138 0.59 3.68 -21.50
N ASN A 139 0.05 2.76 -22.29
CA ASN A 139 0.05 2.89 -23.75
C ASN A 139 -0.65 4.18 -24.21
N ALA A 140 -1.79 4.50 -23.60
CA ALA A 140 -2.54 5.73 -23.87
C ALA A 140 -1.73 6.99 -23.56
N LEU A 141 -0.94 6.98 -22.48
CA LEU A 141 0.00 8.08 -22.22
C LEU A 141 1.06 8.15 -23.33
N ALA A 142 1.54 6.99 -23.75
CA ALA A 142 2.59 6.90 -24.76
C ALA A 142 2.11 7.45 -26.10
N LEU A 143 0.87 7.13 -26.50
CA LEU A 143 0.24 7.68 -27.71
C LEU A 143 0.07 9.21 -27.63
N LEU A 144 -0.26 9.75 -26.45
CA LEU A 144 -0.31 11.18 -26.30
C LEU A 144 1.05 11.78 -26.59
N PHE A 145 2.10 11.19 -26.01
CA PHE A 145 3.46 11.68 -26.22
C PHE A 145 3.81 11.64 -27.71
N LYS A 146 3.44 10.56 -28.38
CA LYS A 146 3.74 10.39 -29.81
C LYS A 146 3.18 11.53 -30.62
N ASN A 147 1.97 11.95 -30.24
CA ASN A 147 1.30 13.07 -30.89
C ASN A 147 2.02 14.40 -30.61
N ALA A 149 5.14 14.95 -29.97
CA ALA A 149 6.38 15.05 -30.82
C ALA A 149 6.24 15.96 -32.06
N ALA A 150 5.02 16.09 -32.58
CA ALA A 150 4.73 16.97 -33.70
C ALA A 150 4.69 18.45 -33.33
N VAL A 151 4.44 18.78 -32.05
CA VAL A 151 4.35 20.17 -31.63
C VAL A 151 5.47 20.67 -30.69
N CYS A 152 6.38 19.75 -30.27
CA CYS A 152 7.48 20.12 -29.41
CA CYS A 152 7.50 20.13 -29.40
C CYS A 152 8.62 19.07 -29.46
N ASP A 153 9.78 19.39 -28.91
CA ASP A 153 10.91 18.43 -28.93
CA ASP A 153 10.91 18.45 -28.92
C ASP A 153 11.00 17.63 -27.61
N HIS A 154 10.18 18.00 -26.62
CA HIS A 154 10.15 17.33 -25.31
C HIS A 154 8.89 17.60 -24.51
N VAL A 155 8.56 16.65 -23.63
CA VAL A 155 7.50 16.83 -22.65
C VAL A 155 8.10 16.75 -21.26
N ASP A 156 7.73 17.69 -20.41
CA ASP A 156 8.06 17.72 -19.00
C ASP A 156 6.86 17.22 -18.19
N VAL A 157 7.17 16.47 -17.14
CA VAL A 157 6.14 15.87 -16.28
C VAL A 157 6.44 16.09 -14.81
N ALA A 158 5.38 15.99 -14.01
CA ALA A 158 5.46 15.99 -12.57
C ALA A 158 4.29 15.13 -12.12
N GLU A 159 4.54 14.27 -11.15
CA GLU A 159 3.48 13.42 -10.61
C GLU A 159 3.90 12.91 -9.26
N TRP A 160 2.92 12.53 -8.46
CA TRP A 160 3.21 11.93 -7.15
C TRP A 160 4.18 10.76 -7.28
N SER A 161 5.13 10.74 -6.34
CA SER A 161 6.07 9.65 -6.13
C SER A 161 5.46 8.59 -5.19
N GLN A 163 7.33 6.56 -3.66
CA GLN A 163 8.39 6.40 -2.67
C GLN A 163 8.27 7.46 -1.60
N PRO A 164 7.49 7.16 -0.54
CA PRO A 164 7.28 8.08 0.55
C PRO A 164 8.57 8.51 1.26
N THR A 165 8.72 9.81 1.52
CA THR A 165 9.94 10.29 2.15
C THR A 165 9.73 10.52 3.65
N ALA A 166 8.52 10.32 4.15
CA ALA A 166 8.23 10.45 5.60
C ALA A 166 7.13 9.47 5.87
N LEU A 167 7.04 8.95 7.08
CA LEU A 167 6.00 7.92 7.39
C LEU A 167 4.60 8.46 7.28
N ASP A 168 4.41 9.76 7.51
CA ASP A 168 3.03 10.33 7.47
C ASP A 168 2.45 10.50 6.07
N GLN A 169 3.25 10.14 5.06
CA GLN A 169 2.80 10.07 3.68
C GLN A 169 2.26 8.70 3.26
N ILE A 170 2.29 7.71 4.14
CA ILE A 170 1.86 6.34 3.78
C ILE A 170 0.38 6.26 3.47
N GLY A 171 -0.43 7.02 4.21
CA GLY A 171 -1.87 7.07 3.92
C GLY A 171 -2.16 7.37 2.47
N HIS A 172 -1.48 8.39 1.95
CA HIS A 172 -1.64 8.81 0.54
C HIS A 172 -1.19 7.71 -0.41
N LEU A 173 -0.03 7.09 -0.16
CA LEU A 173 0.44 5.92 -0.97
C LEU A 173 -0.63 4.87 -0.94
N GLN A 174 -1.18 4.58 0.24
CA GLN A 174 -2.20 3.52 0.27
C GLN A 174 -3.44 3.87 -0.53
N ALA A 175 -3.93 5.10 -0.42
CA ALA A 175 -5.13 5.52 -1.19
C ALA A 175 -4.92 5.30 -2.70
N ALA A 176 -3.72 5.64 -3.18
CA ALA A 176 -3.35 5.51 -4.61
C ALA A 176 -3.31 4.05 -5.07
N ILE A 178 -4.70 1.38 -3.66
CA ILE A 178 -6.01 0.75 -3.55
C ILE A 178 -6.86 1.14 -4.74
N GLN A 179 -6.90 2.43 -5.08
CA GLN A 179 -7.59 2.88 -6.30
C GLN A 179 -7.02 2.24 -7.58
N GLY A 180 -5.70 2.24 -7.73
CA GLY A 180 -5.05 1.64 -8.91
C GLY A 180 -5.26 0.14 -9.11
N LEU A 181 -5.23 -0.59 -8.00
CA LEU A 181 -5.43 -2.05 -8.02
C LEU A 181 -6.88 -2.39 -8.34
N LEU A 182 -7.81 -1.67 -7.73
CA LEU A 182 -9.23 -1.87 -7.97
C LEU A 182 -9.61 -1.51 -9.40
N TYR A 183 -9.14 -0.38 -9.91
CA TYR A 183 -9.31 -0.09 -11.33
C TYR A 183 -8.71 -1.22 -12.20
N ALA A 184 -7.55 -1.77 -11.83
CA ALA A 184 -6.90 -2.82 -12.63
C ALA A 184 -7.73 -4.09 -12.61
N ILE A 185 -8.33 -4.36 -11.45
CA ILE A 185 -9.19 -5.55 -11.20
C ILE A 185 -10.47 -5.48 -12.03
N ALA A 186 -11.16 -4.34 -11.94
CA ALA A 186 -12.37 -4.07 -12.72
C ALA A 186 -12.49 -2.57 -12.97
N PRO A 187 -12.14 -2.10 -14.17
CA PRO A 187 -12.28 -0.71 -14.54
C PRO A 187 -13.67 -0.12 -14.29
N SER A 188 -13.73 1.17 -14.03
CA SER A 188 -14.98 1.87 -13.77
C SER A 188 -14.93 3.29 -14.33
N ASP A 189 -16.09 3.81 -14.74
CA ASP A 189 -16.21 5.20 -15.22
C ASP A 189 -16.22 6.12 -14.00
N VAL A 190 -16.67 5.58 -12.87
CA VAL A 190 -16.63 6.24 -11.54
C VAL A 190 -15.21 6.46 -10.97
N ALA A 191 -14.20 5.89 -11.62
CA ALA A 191 -12.84 5.96 -11.13
C ALA A 191 -12.21 7.33 -11.34
N ASN A 192 -11.45 7.72 -10.31
CA ASN A 192 -10.58 8.89 -10.26
C ASN A 192 -9.15 8.60 -10.83
N ILE A 193 -8.33 7.91 -10.03
CA ILE A 193 -6.99 7.41 -10.41
C ILE A 193 -7.18 6.13 -11.19
N ARG A 194 -6.51 6.02 -12.33
CA ARG A 194 -6.67 4.90 -13.24
C ARG A 194 -5.37 4.13 -13.50
N THR A 195 -4.24 4.83 -13.67
CA THR A 195 -2.97 4.14 -13.95
C THR A 195 -1.86 4.76 -13.16
N LEU A 196 -1.19 3.95 -12.34
CA LEU A 196 -0.17 4.51 -11.46
C LEU A 196 1.18 4.64 -12.13
N ILE A 197 1.34 5.67 -12.96
CA ILE A 197 2.60 5.87 -13.68
C ILE A 197 3.71 6.28 -12.69
N THR A 198 4.90 5.73 -12.95
CA THR A 198 6.07 5.94 -12.14
C THR A 198 7.19 6.39 -13.09
N PRO A 199 8.32 6.84 -12.53
CA PRO A 199 9.46 7.16 -13.39
C PRO A 199 9.98 5.97 -14.20
N ASP A 200 9.84 4.75 -13.67
CA ASP A 200 10.19 3.61 -14.45
C ASP A 200 9.23 3.34 -15.63
N THR A 201 7.95 3.61 -15.45
CA THR A 201 6.99 3.51 -16.56
C THR A 201 7.41 4.44 -17.68
N LEU A 202 7.80 5.67 -17.32
CA LEU A 202 8.19 6.71 -18.28
C LEU A 202 9.49 6.30 -18.97
N ALA A 203 10.45 5.79 -18.21
CA ALA A 203 11.67 5.22 -18.83
C ALA A 203 11.36 4.08 -19.84
N GLN A 204 10.39 3.23 -19.51
CA GLN A 204 10.00 2.16 -20.41
C GLN A 204 9.28 2.69 -21.65
N ILE A 205 8.41 3.67 -21.48
CA ILE A 205 7.73 4.32 -22.61
C ILE A 205 8.78 4.89 -23.56
N ALA A 206 9.78 5.53 -22.98
CA ALA A 206 10.87 6.13 -23.72
C ALA A 206 11.65 5.07 -24.49
N HIS A 207 12.03 3.99 -23.79
CA HIS A 207 12.73 2.86 -24.41
C HIS A 207 11.91 2.25 -25.56
N ASP A 208 10.62 2.08 -25.34
CA ASP A 208 9.74 1.49 -26.38
C ASP A 208 9.69 2.35 -27.66
N ASN A 209 9.85 3.65 -27.50
CA ASN A 209 9.64 4.61 -28.58
C ASN A 209 10.92 5.27 -29.10
N THR A 210 12.07 4.80 -28.61
CA THR A 210 13.36 5.42 -28.88
C THR A 210 13.37 6.92 -28.57
N TRP A 211 12.88 7.24 -27.36
CA TRP A 211 13.07 8.56 -26.76
C TRP A 211 13.99 8.39 -25.54
N THR A 212 14.23 9.48 -24.82
CA THR A 212 15.04 9.46 -23.62
C THR A 212 14.13 9.97 -22.51
N TYR A 213 14.27 9.42 -21.30
CA TYR A 213 13.62 9.98 -20.11
C TYR A 213 14.75 10.43 -19.20
N THR A 214 14.63 11.64 -18.66
CA THR A 214 15.60 12.20 -17.74
C THR A 214 14.90 12.59 -16.45
N ALA A 215 15.30 11.98 -15.34
CA ALA A 215 14.76 12.29 -14.02
C ALA A 215 15.17 13.68 -13.63
N GLY A 216 14.23 14.47 -13.10
CA GLY A 216 14.60 15.73 -12.47
C GLY A 216 14.48 15.73 -10.96
N THR A 217 14.46 16.90 -10.37
CA THR A 217 14.43 17.02 -8.92
C THR A 217 13.04 16.67 -8.36
N ILE A 218 13.01 16.21 -7.10
CA ILE A 218 11.79 15.80 -6.37
C ILE A 218 11.23 17.04 -5.69
N VAL A 219 9.92 17.17 -5.68
CA VAL A 219 9.29 18.33 -5.06
C VAL A 219 8.51 17.90 -3.81
N GLU A 220 8.94 18.36 -2.65
CA GLU A 220 8.27 18.04 -1.40
C GLU A 220 7.26 19.10 -1.06
N ASP A 221 6.07 18.68 -0.66
CA ASP A 221 4.95 19.56 -0.36
C ASP A 221 3.89 18.84 0.53
N PRO A 222 4.33 18.41 1.71
CA PRO A 222 3.53 17.53 2.54
C PRO A 222 2.21 18.16 3.11
N THR A 223 2.17 19.49 3.20
CA THR A 223 1.02 20.26 3.68
C THR A 223 -0.12 20.42 2.69
N LEU A 224 0.06 19.97 1.46
CA LEU A 224 -1.01 19.88 0.49
C LEU A 224 -2.13 19.00 0.93
N ASP A 225 -3.35 19.44 0.68
CA ASP A 225 -4.55 18.73 1.13
C ASP A 225 -4.83 17.52 0.31
N ASP A 226 -4.01 17.30 -0.69
CA ASP A 226 -4.23 16.21 -1.62
C ASP A 226 -4.36 14.85 -0.96
N ALA A 227 -3.50 14.56 0.02
CA ALA A 227 -3.57 13.26 0.75
C ALA A 227 -4.92 13.04 1.39
N HIS A 228 -5.39 13.99 2.22
CA HIS A 228 -6.71 13.95 2.87
CA HIS A 228 -6.67 13.77 2.86
C HIS A 228 -7.83 13.74 1.87
N TRP A 229 -7.74 14.47 0.76
CA TRP A 229 -8.78 14.36 -0.28
C TRP A 229 -8.76 12.95 -0.88
N GLU A 230 -7.56 12.42 -1.12
CA GLU A 230 -7.48 11.09 -1.75
C GLU A 230 -7.91 9.93 -0.85
N ILE A 231 -7.55 10.01 0.42
CA ILE A 231 -7.96 9.04 1.42
C ILE A 231 -9.49 9.07 1.54
N ALA A 232 -10.13 10.25 1.53
CA ALA A 232 -11.60 10.31 1.52
C ALA A 232 -12.18 9.76 0.22
N THR A 233 -11.57 10.09 -0.89
CA THR A 233 -12.01 9.55 -2.17
C THR A 233 -12.02 8.01 -2.20
N THR A 234 -10.96 7.40 -1.68
CA THR A 234 -10.83 5.95 -1.59
C THR A 234 -11.92 5.35 -0.69
N ASN A 235 -12.15 6.00 0.44
CA ASN A 235 -13.22 5.59 1.33
C ASN A 235 -14.56 5.66 0.63
N ALA A 236 -14.81 6.76 -0.07
CA ALA A 236 -16.06 6.94 -0.82
C ALA A 236 -16.22 5.83 -1.85
N LEU A 237 -15.13 5.58 -2.59
CA LEU A 237 -15.14 4.64 -3.72
C LEU A 237 -15.54 3.19 -3.37
N LEU A 238 -15.16 2.70 -2.20
CA LEU A 238 -15.53 1.34 -1.83
C LEU A 238 -17.05 1.16 -1.67
N THR A 239 -17.73 2.25 -1.29
CA THR A 239 -19.20 2.28 -1.27
C THR A 239 -19.77 2.45 -2.69
N GLU A 240 -19.20 3.38 -3.44
CA GLU A 240 -19.72 3.76 -4.75
C GLU A 240 -19.44 2.72 -5.84
N LEU A 241 -18.34 1.99 -5.73
CA LEU A 241 -18.03 0.99 -6.74
C LEU A 241 -18.97 -0.23 -6.59
N LYS A 242 -19.20 -0.91 -7.71
CA LYS A 242 -20.05 -2.10 -7.77
C LYS A 242 -19.16 -3.34 -7.54
N LEU A 243 -18.78 -3.53 -6.28
CA LEU A 243 -17.90 -4.63 -5.88
C LEU A 243 -18.68 -5.79 -5.23
N SER A 244 -18.16 -7.02 -5.40
CA SER A 244 -18.68 -8.20 -4.67
C SER A 244 -18.53 -7.95 -3.17
N THR A 245 -19.36 -8.60 -2.37
CA THR A 245 -19.22 -8.45 -0.92
C THR A 245 -17.85 -8.91 -0.48
N ASP A 246 -17.41 -10.03 -1.05
CA ASP A 246 -16.14 -10.58 -0.66
C ASP A 246 -15.00 -9.60 -0.97
N LEU A 247 -15.02 -8.95 -2.14
CA LEU A 247 -13.92 -8.01 -2.47
C LEU A 247 -13.99 -6.78 -1.58
N ARG A 248 -15.18 -6.25 -1.38
CA ARG A 248 -15.36 -5.13 -0.46
CA ARG A 248 -15.35 -5.12 -0.47
C ARG A 248 -14.76 -5.44 0.91
N ASP A 249 -15.19 -6.58 1.48
CA ASP A 249 -14.75 -7.01 2.81
C ASP A 249 -13.25 -7.17 2.85
N ARG A 250 -12.67 -7.66 1.77
CA ARG A 250 -11.22 -7.78 1.73
C ARG A 250 -10.41 -6.47 1.65
N VAL A 251 -11.02 -5.43 1.10
CA VAL A 251 -10.37 -4.14 0.97
C VAL A 251 -10.45 -3.43 2.31
N LYS A 252 -11.45 -3.79 3.11
CA LYS A 252 -11.67 -3.15 4.43
C LYS A 252 -10.40 -2.99 5.34
N PRO A 253 -9.63 -4.07 5.60
CA PRO A 253 -8.39 -3.92 6.37
C PRO A 253 -7.37 -2.91 5.79
N LEU A 254 -7.39 -2.72 4.48
CA LEU A 254 -6.50 -1.76 3.83
CA LEU A 254 -6.51 -1.76 3.81
C LEU A 254 -6.98 -0.35 4.16
N LEU A 255 -8.29 -0.15 4.20
CA LEU A 255 -8.85 1.15 4.58
C LEU A 255 -8.54 1.49 6.04
N GLU A 256 -8.57 0.46 6.93
CA GLU A 256 -8.26 0.59 8.36
C GLU A 256 -6.85 1.01 8.57
N ALA A 257 -5.94 0.27 7.98
CA ALA A 257 -4.52 0.63 7.98
C ALA A 257 -4.21 2.04 7.46
N SER A 259 -6.17 4.57 7.51
CA SER A 259 -6.64 5.54 8.50
C SER A 259 -5.63 5.84 9.59
N HIS A 260 -4.61 5.01 9.72
CA HIS A 260 -3.62 5.15 10.77
C HIS A 260 -2.27 5.52 10.23
N ASN A 261 -2.13 5.64 8.91
CA ASN A 261 -0.82 5.90 8.28
C ASN A 261 -0.57 7.34 7.82
N GLY A 262 -1.21 8.30 8.50
CA GLY A 262 -0.99 9.73 8.28
C GLY A 262 -1.75 10.34 7.12
N THR A 263 -1.62 11.66 6.98
CA THR A 263 -2.36 12.46 6.01
C THR A 263 -1.49 13.53 5.35
N ALA A 264 -0.17 13.34 5.31
CA ALA A 264 0.73 14.21 4.54
C ALA A 264 0.80 13.77 3.07
N SER A 265 1.04 14.73 2.18
CA SER A 265 1.06 14.42 0.77
C SER A 265 2.43 13.94 0.36
N LEU A 266 2.40 12.96 -0.51
CA LEU A 266 3.58 12.39 -1.09
C LEU A 266 4.48 13.46 -1.72
N ALA A 267 5.77 13.14 -1.82
CA ALA A 267 6.69 13.91 -2.65
C ALA A 267 6.20 13.78 -4.09
N THR A 268 6.73 14.63 -4.98
CA THR A 268 6.33 14.67 -6.38
C THR A 268 7.58 14.56 -7.21
N PHE A 269 7.64 13.56 -8.08
CA PHE A 269 8.77 13.42 -9.00
C PHE A 269 8.61 14.32 -10.27
N THR A 270 9.71 14.78 -10.83
CA THR A 270 9.65 15.49 -12.10
C THR A 270 10.63 14.85 -13.06
N GLY A 271 10.39 15.04 -14.35
CA GLY A 271 11.30 14.57 -15.39
C GLY A 271 10.92 15.05 -16.77
N ARG A 272 11.68 14.64 -17.78
CA ARG A 272 11.50 15.11 -19.13
C ARG A 272 11.64 13.94 -20.08
N ILE A 273 10.68 13.81 -21.00
CA ILE A 273 10.76 12.91 -22.14
C ILE A 273 11.26 13.75 -23.32
N THR A 274 12.43 13.39 -23.86
CA THR A 274 12.99 14.04 -25.05
C THR A 274 12.84 13.13 -26.25
N PHE A 275 12.35 13.70 -27.36
CA PHE A 275 12.00 12.90 -28.52
C PHE A 275 13.22 12.73 -29.41
N GLU B 3 14.28 -13.44 27.23
CA GLU B 3 15.50 -13.46 26.36
C GLU B 3 16.74 -14.19 26.92
N LYS B 4 16.82 -14.36 28.24
CA LYS B 4 17.92 -15.14 28.83
C LYS B 4 17.99 -16.59 28.32
N ARG B 5 16.86 -17.13 27.87
CA ARG B 5 16.76 -18.47 27.36
C ARG B 5 16.99 -18.57 25.85
N LEU B 6 17.42 -17.49 25.22
CA LEU B 6 17.57 -17.45 23.77
C LEU B 6 18.40 -18.61 23.18
N ASP B 7 19.64 -18.70 23.63
CA ASP B 7 20.50 -19.73 23.11
C ASP B 7 20.10 -21.14 23.52
N TYR B 8 19.58 -21.31 24.73
CA TYR B 8 19.08 -22.62 25.14
C TYR B 8 18.03 -23.12 24.16
N ILE B 9 17.04 -22.27 23.85
CA ILE B 9 15.90 -22.70 23.03
C ILE B 9 16.34 -22.88 21.58
N THR B 10 17.14 -21.96 21.08
CA THR B 10 17.71 -22.05 19.74
C THR B 10 18.39 -23.39 19.55
N ASP B 11 19.12 -23.82 20.58
CA ASP B 11 19.89 -25.06 20.54
C ASP B 11 19.11 -26.34 20.62
N LEU B 12 17.86 -26.22 21.05
CA LEU B 12 16.88 -27.32 20.91
C LEU B 12 16.33 -27.55 19.52
N ALA B 14 16.17 -28.25 15.50
CA ALA B 14 16.88 -28.95 14.38
C ALA B 14 17.18 -27.90 13.31
N LEU B 15 18.41 -27.87 12.80
CA LEU B 15 18.84 -26.84 11.85
C LEU B 15 18.95 -27.47 10.47
N GLY B 16 18.59 -26.75 9.43
CA GLY B 16 18.93 -27.22 8.06
C GLY B 16 20.42 -27.04 7.76
N PRO B 17 20.87 -27.50 6.59
CA PRO B 17 22.31 -27.62 6.31
C PRO B 17 23.16 -26.38 5.99
N THR B 18 22.58 -25.19 5.87
CA THR B 18 23.34 -23.96 5.51
C THR B 18 24.24 -23.34 6.61
N ALA B 19 25.26 -22.59 6.15
CA ALA B 19 26.24 -21.92 7.05
C ALA B 19 25.59 -21.05 8.13
N ASN B 20 24.50 -20.35 7.77
CA ASN B 20 23.91 -19.39 8.71
C ASN B 20 22.57 -19.86 9.26
N ALA B 21 22.34 -21.17 9.22
CA ALA B 21 21.07 -21.73 9.69
C ALA B 21 20.84 -21.33 11.14
N ARG B 22 21.87 -21.42 11.97
CA ARG B 22 21.71 -21.13 13.38
C ARG B 22 21.43 -19.63 13.60
N THR B 23 22.13 -18.79 12.86
CA THR B 23 21.90 -17.37 12.95
C THR B 23 20.50 -16.97 12.56
N ILE B 24 19.97 -17.61 11.53
CA ILE B 24 18.63 -17.34 11.09
C ILE B 24 17.64 -17.91 12.13
N GLN B 25 17.93 -19.11 12.64
CA GLN B 25 17.10 -19.67 13.68
C GLN B 25 17.08 -18.82 14.93
N ARG B 26 18.20 -18.30 15.38
CA ARG B 26 18.24 -17.52 16.61
C ARG B 26 17.38 -16.25 16.51
N ARG B 27 17.40 -15.60 15.34
CA ARG B 27 16.55 -14.42 15.06
C ARG B 27 15.05 -14.77 15.16
N GLN B 28 14.68 -15.88 14.54
CA GLN B 28 13.31 -16.36 14.61
C GLN B 28 12.88 -16.71 16.07
N THR B 29 13.73 -17.44 16.79
CA THR B 29 13.45 -17.80 18.17
C THR B 29 13.32 -16.54 19.05
N ALA B 30 14.20 -15.57 18.85
CA ALA B 30 14.19 -14.31 19.56
C ALA B 30 12.86 -13.56 19.30
N HIS B 31 12.35 -13.64 18.08
CA HIS B 31 11.11 -12.94 17.73
C HIS B 31 9.94 -13.57 18.50
N ARG B 32 9.91 -14.91 18.54
CA ARG B 32 8.89 -15.63 19.30
C ARG B 32 9.00 -15.38 20.80
N LEU B 33 10.23 -15.24 21.31
CA LEU B 33 10.42 -14.88 22.73
C LEU B 33 9.84 -13.49 23.02
N ALA B 34 10.00 -12.55 22.07
CA ALA B 34 9.46 -11.19 22.26
C ALA B 34 7.93 -11.21 22.27
N ILE B 35 7.33 -11.95 21.36
CA ILE B 35 5.87 -12.26 21.40
C ILE B 35 5.42 -12.92 22.71
N ALA B 36 6.16 -13.93 23.22
CA ALA B 36 5.79 -14.67 24.44
C ALA B 36 5.81 -13.70 25.62
N GLU B 37 6.84 -12.84 25.63
CA GLU B 37 7.02 -11.84 26.67
C GLU B 37 5.83 -10.88 26.71
N ALA B 38 5.36 -10.47 25.53
CA ALA B 38 4.26 -9.53 25.40
C ALA B 38 2.97 -10.15 25.96
N TRP B 39 2.71 -11.40 25.56
CA TRP B 39 1.59 -12.19 26.06
C TRP B 39 1.58 -12.56 27.56
N GLN B 40 2.74 -12.49 28.20
CA GLN B 40 2.88 -12.80 29.61
CA GLN B 40 2.89 -12.81 29.63
C GLN B 40 2.44 -14.24 29.95
N VAL B 41 3.07 -15.19 29.29
CA VAL B 41 2.86 -16.62 29.52
C VAL B 41 3.46 -17.01 30.87
N LYS B 42 2.67 -17.74 31.64
CA LYS B 42 2.96 -18.14 33.01
C LYS B 42 3.27 -19.64 33.14
N PRO B 43 3.99 -20.03 34.21
CA PRO B 43 4.22 -21.45 34.40
C PRO B 43 2.94 -22.23 34.60
N GLY B 44 2.94 -23.45 34.09
CA GLY B 44 1.82 -24.35 34.27
C GLY B 44 0.68 -24.23 33.28
N GLU B 45 0.80 -23.37 32.28
CA GLU B 45 -0.34 -23.13 31.39
CA GLU B 45 -0.32 -23.12 31.35
C GLU B 45 -0.53 -24.26 30.38
N LYS B 46 -1.79 -24.55 30.07
CA LYS B 46 -2.08 -25.38 28.92
C LYS B 46 -2.42 -24.45 27.75
N ILE B 47 -1.65 -24.55 26.65
CA ILE B 47 -1.76 -23.66 25.51
C ILE B 47 -2.06 -24.42 24.23
N LEU B 48 -2.95 -23.87 23.45
CA LEU B 48 -3.23 -24.34 22.10
C LEU B 48 -2.73 -23.28 21.13
N GLU B 49 -1.86 -23.68 20.21
CA GLU B 49 -1.25 -22.83 19.19
C GLU B 49 -1.69 -23.19 17.75
N ILE B 50 -2.28 -22.21 17.08
CA ILE B 50 -2.85 -22.39 15.74
C ILE B 50 -1.81 -21.90 14.71
N GLY B 51 -1.32 -22.80 13.86
CA GLY B 51 -0.38 -22.46 12.80
C GLY B 51 1.01 -22.47 13.38
N CYS B 52 1.37 -23.62 13.96
CA CYS B 52 2.62 -23.79 14.71
C CYS B 52 3.82 -24.00 13.79
N GLY B 53 3.57 -24.27 12.53
CA GLY B 53 4.65 -24.47 11.62
C GLY B 53 5.68 -25.46 12.17
N GLN B 54 6.96 -25.10 12.11
CA GLN B 54 8.02 -26.01 12.53
C GLN B 54 8.30 -25.90 14.04
N GLY B 55 7.46 -25.16 14.76
CA GLY B 55 7.52 -25.10 16.21
C GLY B 55 8.45 -24.08 16.81
N ASP B 56 8.77 -23.00 16.07
CA ASP B 56 9.63 -21.92 16.61
C ASP B 56 9.02 -21.28 17.89
N LEU B 57 7.71 -21.11 17.86
CA LEU B 57 6.96 -20.52 18.98
C LEU B 57 6.67 -21.62 19.99
N SER B 58 6.23 -22.77 19.49
CA SER B 58 5.87 -23.92 20.35
C SER B 58 6.97 -24.21 21.36
N ALA B 59 8.22 -24.25 20.91
CA ALA B 59 9.34 -24.54 21.80
C ALA B 59 9.55 -23.46 22.86
N VAL B 60 9.46 -22.22 22.44
CA VAL B 60 9.54 -21.09 23.32
C VAL B 60 8.48 -21.20 24.41
N LEU B 61 7.25 -21.41 23.98
CA LEU B 61 6.13 -21.58 24.90
C LEU B 61 6.30 -22.75 25.88
N ALA B 62 6.83 -23.86 25.38
CA ALA B 62 7.02 -25.06 26.17
C ALA B 62 8.06 -24.80 27.25
N ASP B 63 9.11 -24.06 26.91
CA ASP B 63 10.09 -23.67 27.88
C ASP B 63 9.41 -22.85 28.98
N GLN B 64 8.63 -21.87 28.56
CA GLN B 64 8.07 -20.89 29.50
C GLN B 64 7.00 -21.49 30.41
N VAL B 65 6.26 -22.49 29.94
CA VAL B 65 5.19 -23.06 30.83
C VAL B 65 5.74 -24.08 31.83
N GLY B 66 6.94 -24.55 31.59
CA GLY B 66 7.62 -25.43 32.53
C GLY B 66 7.06 -26.82 32.36
N SER B 67 7.54 -27.76 33.17
CA SER B 67 7.10 -29.14 33.00
C SER B 67 5.67 -29.34 33.50
N SER B 68 5.14 -28.36 34.24
CA SER B 68 3.72 -28.43 34.66
C SER B 68 2.71 -28.02 33.55
N GLY B 69 3.19 -27.35 32.51
CA GLY B 69 2.31 -26.89 31.43
C GLY B 69 2.39 -27.81 30.25
N HIS B 70 1.62 -27.48 29.21
CA HIS B 70 1.69 -28.22 27.96
C HIS B 70 1.34 -27.33 26.74
N VAL B 71 1.91 -27.66 25.57
CA VAL B 71 1.70 -26.87 24.37
C VAL B 71 1.30 -27.80 23.26
N THR B 72 0.13 -27.53 22.71
CA THR B 72 -0.36 -28.30 21.58
C THR B 72 -0.25 -27.44 20.32
N GLY B 73 0.45 -27.92 19.31
CA GLY B 73 0.53 -27.21 18.04
C GLY B 73 -0.37 -27.79 16.96
N ILE B 74 -1.10 -26.91 16.26
CA ILE B 74 -2.00 -27.26 15.12
C ILE B 74 -1.38 -26.74 13.81
N ASP B 75 -1.22 -27.58 12.78
CA ASP B 75 -0.88 -27.04 11.47
C ASP B 75 -1.63 -27.74 10.38
N ILE B 76 -1.98 -26.99 9.35
CA ILE B 76 -2.78 -27.47 8.23
C ILE B 76 -1.88 -28.31 7.31
N ALA B 77 -0.59 -28.05 7.33
CA ALA B 77 0.35 -28.77 6.50
C ALA B 77 0.66 -30.18 6.97
N SER B 78 1.26 -30.94 6.03
CA SER B 78 1.71 -32.30 6.27
C SER B 78 3.04 -32.39 7.00
N PRO B 79 3.30 -33.56 7.63
CA PRO B 79 4.64 -33.72 8.23
C PRO B 79 5.74 -33.61 7.22
N ASP B 80 5.48 -34.01 5.99
CA ASP B 80 6.53 -34.04 4.98
C ASP B 80 6.69 -32.71 4.27
N TYR B 81 6.09 -31.66 4.81
CA TYR B 81 6.13 -30.38 4.17
C TYR B 81 7.38 -29.67 4.60
N GLY B 82 8.14 -29.16 3.64
CA GLY B 82 9.28 -28.28 3.96
C GLY B 82 10.58 -28.72 3.34
N ALA B 83 11.47 -27.76 3.12
CA ALA B 83 12.79 -28.05 2.63
C ALA B 83 13.66 -26.91 3.10
N PRO B 84 14.90 -27.22 3.51
CA PRO B 84 15.56 -28.54 3.52
C PRO B 84 15.20 -29.36 4.78
N LEU B 85 14.37 -28.82 5.65
CA LEU B 85 13.92 -29.54 6.85
C LEU B 85 12.41 -29.65 6.75
N THR B 86 11.83 -30.84 6.88
CA THR B 86 10.38 -30.94 6.82
C THR B 86 9.85 -30.57 8.20
N LEU B 87 8.56 -30.24 8.27
CA LEU B 87 7.93 -29.91 9.55
C LEU B 87 8.01 -31.09 10.55
N GLY B 88 7.85 -32.32 10.07
CA GLY B 88 7.95 -33.51 10.91
C GLY B 88 9.38 -33.81 11.40
N GLN B 89 10.38 -33.59 10.55
CA GLN B 89 11.77 -33.63 11.01
C GLN B 89 11.99 -32.68 12.20
N ALA B 90 11.59 -31.43 12.02
CA ALA B 90 11.60 -30.41 13.08
C ALA B 90 10.90 -30.86 14.36
N TRP B 91 9.69 -31.36 14.23
CA TRP B 91 8.85 -31.71 15.37
C TRP B 91 9.27 -33.01 16.05
N ASN B 92 9.61 -34.03 15.28
CA ASN B 92 10.10 -35.26 15.87
C ASN B 92 11.34 -34.95 16.71
N HIS B 93 12.18 -34.03 16.25
CA HIS B 93 13.35 -33.66 17.00
C HIS B 93 12.97 -32.94 18.31
N LEU B 94 11.97 -32.08 18.27
CA LEU B 94 11.49 -31.40 19.44
C LEU B 94 10.87 -32.39 20.45
N LEU B 95 10.11 -33.36 19.93
CA LEU B 95 9.46 -34.38 20.76
C LEU B 95 10.46 -35.35 21.42
N ALA B 96 11.62 -35.56 20.79
CA ALA B 96 12.66 -36.44 21.31
C ALA B 96 13.59 -35.74 22.31
N GLY B 97 13.52 -34.42 22.36
CA GLY B 97 14.42 -33.63 23.17
C GLY B 97 13.84 -33.29 24.52
N PRO B 98 14.52 -32.40 25.27
CA PRO B 98 14.20 -31.90 26.62
C PRO B 98 12.78 -31.41 26.87
N LEU B 99 12.19 -30.78 25.87
CA LEU B 99 10.85 -30.22 26.02
C LEU B 99 9.77 -31.15 25.53
N GLY B 100 10.13 -32.32 25.02
CA GLY B 100 9.18 -33.15 24.26
C GLY B 100 7.94 -33.59 25.03
N ASP B 101 8.08 -33.75 26.35
CA ASP B 101 6.94 -34.16 27.17
C ASP B 101 5.87 -33.07 27.37
N ARG B 102 6.25 -31.85 27.05
CA ARG B 102 5.44 -30.68 27.18
C ARG B 102 4.73 -30.33 25.89
N LEU B 103 4.96 -31.10 24.82
CA LEU B 103 4.56 -30.76 23.45
C LEU B 103 3.68 -31.79 22.79
N THR B 104 2.75 -31.33 21.95
CA THR B 104 1.90 -32.21 21.09
C THR B 104 1.70 -31.48 19.78
N VAL B 105 1.77 -32.21 18.65
CA VAL B 105 1.48 -31.61 17.36
C VAL B 105 0.42 -32.41 16.58
N HIS B 106 -0.47 -31.68 15.90
CA HIS B 106 -1.45 -32.23 14.98
C HIS B 106 -1.23 -31.59 13.63
N PHE B 107 -0.70 -32.38 12.68
CA PHE B 107 -0.54 -31.97 11.31
C PHE B 107 -1.84 -32.20 10.56
N ASN B 108 -1.95 -31.64 9.37
CA ASN B 108 -3.17 -31.73 8.52
C ASN B 108 -4.43 -31.47 9.29
N THR B 109 -4.38 -30.47 10.15
CA THR B 109 -5.47 -30.20 11.05
C THR B 109 -5.97 -28.78 10.81
N ASN B 110 -7.28 -28.67 10.57
CA ASN B 110 -7.96 -27.38 10.50
C ASN B 110 -9.13 -27.42 11.43
N LEU B 111 -9.05 -26.72 12.55
CA LEU B 111 -10.11 -26.76 13.56
C LEU B 111 -11.37 -26.01 13.11
N SER B 112 -11.30 -25.29 11.99
CA SER B 112 -12.55 -24.72 11.39
C SER B 112 -13.42 -25.81 10.75
N ASP B 113 -12.77 -26.89 10.33
CA ASP B 113 -13.41 -27.97 9.60
C ASP B 113 -13.78 -29.18 10.44
N ASP B 114 -13.02 -29.41 11.51
CA ASP B 114 -13.27 -30.56 12.38
C ASP B 114 -12.60 -30.31 13.71
N LEU B 115 -13.40 -30.23 14.77
CA LEU B 115 -12.85 -29.96 16.12
C LEU B 115 -12.42 -31.26 16.87
N GLY B 116 -12.60 -32.40 16.21
CA GLY B 116 -12.28 -33.70 16.76
C GLY B 116 -10.93 -33.86 17.42
N PRO B 117 -9.87 -33.38 16.76
CA PRO B 117 -8.54 -33.59 17.32
C PRO B 117 -8.31 -33.06 18.73
N ILE B 118 -9.11 -32.10 19.20
CA ILE B 118 -8.93 -31.51 20.53
C ILE B 118 -10.17 -31.78 21.38
N ALA B 119 -10.95 -32.79 20.98
CA ALA B 119 -12.19 -33.13 21.67
C ALA B 119 -11.96 -33.26 23.17
N ASP B 120 -12.81 -32.59 23.93
CA ASP B 120 -12.82 -32.65 25.41
C ASP B 120 -11.70 -31.95 26.13
N GLN B 121 -10.80 -31.31 25.39
CA GLN B 121 -9.68 -30.63 26.02
C GLN B 121 -10.05 -29.17 26.33
N HIS B 122 -9.53 -28.66 27.45
CA HIS B 122 -9.62 -27.25 27.86
CA HIS B 122 -9.62 -27.24 27.75
C HIS B 122 -8.21 -26.67 27.92
N PHE B 123 -8.08 -25.36 27.71
CA PHE B 123 -6.77 -24.71 27.64
C PHE B 123 -6.83 -23.41 28.43
N ASP B 124 -5.70 -22.96 28.94
CA ASP B 124 -5.66 -21.66 29.58
C ASP B 124 -5.79 -20.52 28.55
N ARG B 125 -5.14 -20.70 27.41
CA ARG B 125 -5.22 -19.77 26.29
C ARG B 125 -5.01 -20.50 24.96
N VAL B 126 -5.61 -19.95 23.93
CA VAL B 126 -5.33 -20.27 22.53
C VAL B 126 -4.53 -19.13 21.92
N VAL B 127 -3.53 -19.45 21.10
CA VAL B 127 -2.64 -18.41 20.57
C VAL B 127 -2.40 -18.59 19.09
N LEU B 128 -2.14 -17.47 18.43
CA LEU B 128 -1.94 -17.44 16.97
C LEU B 128 -0.87 -16.37 16.71
N ALA B 129 0.27 -16.76 16.15
CA ALA B 129 1.37 -15.84 15.83
C ALA B 129 1.69 -15.96 14.36
N HIS B 130 1.30 -14.96 13.58
CA HIS B 130 1.58 -14.88 12.16
C HIS B 130 0.82 -15.90 11.38
N SER B 131 -0.31 -16.34 11.92
CA SER B 131 -1.23 -17.24 11.24
C SER B 131 -2.60 -16.58 10.98
N LEU B 132 -2.78 -15.33 11.39
CA LEU B 132 -4.06 -14.65 11.15
C LEU B 132 -4.28 -14.39 9.67
N TRP B 133 -3.24 -13.98 8.96
CA TRP B 133 -3.37 -13.66 7.52
C TRP B 133 -3.66 -14.85 6.63
N TYR B 134 -3.54 -16.07 7.14
CA TYR B 134 -3.83 -17.25 6.32
C TYR B 134 -5.31 -17.57 6.33
N PHE B 135 -6.07 -16.95 7.22
CA PHE B 135 -7.45 -17.34 7.35
C PHE B 135 -8.18 -16.99 6.08
N ALA B 136 -9.19 -17.81 5.81
CA ALA B 136 -9.94 -17.74 4.58
C ALA B 136 -10.67 -16.43 4.51
N SER B 137 -11.17 -15.97 5.65
CA SER B 137 -11.78 -14.67 5.68
C SER B 137 -11.77 -14.22 7.12
N ALA B 138 -12.19 -12.97 7.36
CA ALA B 138 -12.34 -12.43 8.73
C ALA B 138 -13.49 -13.12 9.46
N ASN B 139 -14.61 -13.40 8.78
CA ASN B 139 -15.64 -14.18 9.42
C ASN B 139 -15.14 -15.57 9.87
N ALA B 140 -14.37 -16.25 9.04
CA ALA B 140 -13.80 -17.55 9.40
C ALA B 140 -12.97 -17.49 10.66
N LEU B 141 -12.20 -16.41 10.83
CA LEU B 141 -11.45 -16.19 12.08
C LEU B 141 -12.40 -16.04 13.25
N ALA B 142 -13.40 -15.21 13.06
CA ALA B 142 -14.46 -14.97 14.07
C ALA B 142 -15.13 -16.26 14.53
N LEU B 143 -15.54 -17.07 13.55
CA LEU B 143 -16.15 -18.36 13.85
C LEU B 143 -15.25 -19.29 14.67
N LEU B 144 -13.98 -19.35 14.34
CA LEU B 144 -13.04 -20.12 15.14
C LEU B 144 -13.00 -19.59 16.56
N PHE B 145 -12.85 -18.27 16.72
CA PHE B 145 -12.87 -17.70 18.08
C PHE B 145 -14.19 -18.12 18.77
N LYS B 146 -15.29 -18.14 18.06
CA LYS B 146 -16.54 -18.52 18.71
C LYS B 146 -16.43 -19.92 19.27
N ASN B 147 -15.77 -20.80 18.52
CA ASN B 147 -15.57 -22.18 18.91
C ASN B 147 -14.57 -22.34 20.02
N ALA B 149 -14.10 -20.09 22.40
CA ALA B 149 -14.70 -19.55 23.63
C ALA B 149 -15.16 -20.66 24.61
N ALA B 150 -15.58 -21.78 24.06
CA ALA B 150 -16.05 -22.93 24.84
C ALA B 150 -14.90 -23.62 25.62
N VAL B 151 -13.66 -23.48 25.17
CA VAL B 151 -12.58 -24.31 25.70
C VAL B 151 -11.35 -23.55 26.17
N CYS B 152 -11.43 -22.21 26.25
CA CYS B 152 -10.44 -21.41 26.95
C CYS B 152 -10.97 -20.04 27.41
N ASP B 153 -10.17 -19.35 28.20
CA ASP B 153 -10.53 -18.03 28.78
C ASP B 153 -10.29 -16.85 27.83
N HIS B 154 -9.23 -16.92 27.05
CA HIS B 154 -8.87 -15.86 26.11
C HIS B 154 -8.00 -16.36 24.97
N VAL B 155 -7.98 -15.60 23.87
CA VAL B 155 -7.07 -15.85 22.73
C VAL B 155 -6.05 -14.73 22.62
N ASP B 156 -4.79 -15.08 22.41
CA ASP B 156 -3.75 -14.06 22.24
C ASP B 156 -3.24 -14.16 20.82
N VAL B 157 -3.00 -12.99 20.19
CA VAL B 157 -2.63 -12.92 18.81
C VAL B 157 -1.34 -12.13 18.66
N ALA B 158 -0.61 -12.41 17.61
CA ALA B 158 0.50 -11.58 17.20
C ALA B 158 0.48 -11.65 15.71
N GLU B 159 0.65 -10.51 15.06
CA GLU B 159 0.66 -10.46 13.58
C GLU B 159 1.33 -9.20 13.06
N TRP B 160 1.78 -9.26 11.81
CA TRP B 160 2.36 -8.07 11.17
C TRP B 160 1.43 -6.86 11.25
N SER B 161 2.01 -5.73 11.64
CA SER B 161 1.31 -4.45 11.67
C SER B 161 1.45 -3.76 10.34
N GLN B 163 1.09 -0.68 9.90
CA GLN B 163 1.51 0.66 10.19
C GLN B 163 3.03 0.71 10.33
N PRO B 164 3.75 0.85 9.21
CA PRO B 164 5.21 0.92 9.33
C PRO B 164 5.73 1.86 10.40
N THR B 165 6.81 1.46 11.10
CA THR B 165 7.45 2.35 12.07
C THR B 165 8.75 2.95 11.51
N ALA B 166 9.14 2.52 10.31
CA ALA B 166 10.29 3.06 9.58
C ALA B 166 10.03 2.97 8.09
N LEU B 167 10.55 3.91 7.31
CA LEU B 167 10.34 3.92 5.86
C LEU B 167 10.80 2.68 5.17
N ASP B 168 11.87 2.06 5.69
CA ASP B 168 12.36 0.83 5.07
C ASP B 168 11.47 -0.40 5.23
N GLN B 169 10.41 -0.27 6.00
CA GLN B 169 9.40 -1.33 6.10
C GLN B 169 8.25 -1.23 5.10
N ILE B 170 8.22 -0.17 4.30
CA ILE B 170 7.12 0.06 3.35
C ILE B 170 7.01 -1.05 2.30
N GLY B 171 8.15 -1.54 1.82
CA GLY B 171 8.13 -2.65 0.84
C GLY B 171 7.39 -3.90 1.32
N HIS B 172 7.63 -4.29 2.59
CA HIS B 172 6.86 -5.39 3.25
C HIS B 172 5.34 -5.09 3.28
N LEU B 173 4.99 -3.86 3.60
CA LEU B 173 3.60 -3.44 3.60
C LEU B 173 2.96 -3.62 2.21
N GLN B 174 3.61 -3.08 1.19
CA GLN B 174 3.13 -3.21 -0.18
C GLN B 174 3.03 -4.68 -0.60
N ALA B 175 3.95 -5.53 -0.16
CA ALA B 175 3.93 -6.95 -0.53
C ALA B 175 2.63 -7.55 -0.03
N ALA B 176 2.29 -7.21 1.22
CA ALA B 176 1.08 -7.71 1.89
C ALA B 176 -0.18 -7.19 1.24
N ILE B 178 -0.56 -6.09 -1.85
CA ILE B 178 -0.67 -6.57 -3.22
C ILE B 178 -1.19 -8.00 -3.17
N GLN B 179 -0.55 -8.82 -2.35
CA GLN B 179 -1.00 -10.21 -2.19
C GLN B 179 -2.48 -10.32 -1.76
N GLY B 180 -2.92 -9.46 -0.86
CA GLY B 180 -4.28 -9.54 -0.35
C GLY B 180 -5.36 -9.21 -1.37
N LEU B 181 -5.12 -8.25 -2.23
CA LEU B 181 -6.07 -7.95 -3.32
C LEU B 181 -5.99 -8.95 -4.47
N LEU B 182 -4.79 -9.44 -4.78
CA LEU B 182 -4.69 -10.52 -5.77
C LEU B 182 -5.37 -11.83 -5.31
N TYR B 183 -5.41 -12.10 -4.02
CA TYR B 183 -6.10 -13.29 -3.52
C TYR B 183 -7.60 -13.07 -3.62
N ALA B 184 -8.04 -11.84 -3.45
CA ALA B 184 -9.46 -11.51 -3.58
C ALA B 184 -9.97 -11.89 -4.98
N ILE B 185 -9.18 -11.59 -6.01
CA ILE B 185 -9.59 -11.87 -7.41
C ILE B 185 -9.05 -13.20 -8.01
N ALA B 186 -7.85 -13.64 -7.63
CA ALA B 186 -7.31 -14.91 -8.15
C ALA B 186 -6.70 -15.79 -7.05
N PRO B 187 -7.56 -16.31 -6.15
CA PRO B 187 -7.11 -17.20 -5.09
C PRO B 187 -6.24 -18.33 -5.63
N SER B 188 -5.25 -18.76 -4.86
CA SER B 188 -4.48 -19.96 -5.18
C SER B 188 -4.30 -20.81 -3.91
N ASP B 189 -4.01 -22.10 -4.08
CA ASP B 189 -3.56 -22.94 -2.98
C ASP B 189 -2.16 -22.48 -2.51
N VAL B 190 -1.30 -22.12 -3.48
CA VAL B 190 0.07 -21.60 -3.24
C VAL B 190 0.12 -20.30 -2.39
N ALA B 191 -0.94 -19.48 -2.50
CA ALA B 191 -1.07 -18.21 -1.73
C ALA B 191 -1.27 -18.44 -0.23
N ASN B 192 -0.47 -17.75 0.59
CA ASN B 192 -0.49 -17.87 2.05
C ASN B 192 -0.98 -16.61 2.77
N ILE B 193 -0.86 -15.44 2.14
CA ILE B 193 -1.57 -14.27 2.60
C ILE B 193 -2.89 -14.25 1.86
N ARG B 194 -3.97 -14.46 2.62
CA ARG B 194 -5.28 -14.64 2.04
C ARG B 194 -6.22 -13.54 2.45
N THR B 195 -6.27 -13.27 3.75
CA THR B 195 -7.07 -12.20 4.31
C THR B 195 -6.20 -11.34 5.24
N LEU B 196 -6.11 -10.05 5.00
CA LEU B 196 -5.39 -9.17 5.92
C LEU B 196 -6.28 -8.84 7.12
N ILE B 197 -5.66 -8.81 8.30
CA ILE B 197 -6.38 -8.75 9.55
C ILE B 197 -5.61 -7.76 10.33
N THR B 198 -6.29 -6.79 10.93
CA THR B 198 -5.68 -5.71 11.67
C THR B 198 -6.22 -5.71 13.11
N PRO B 199 -5.64 -4.87 13.99
CA PRO B 199 -6.28 -4.73 15.31
C PRO B 199 -7.73 -4.25 15.27
N ASP B 200 -8.06 -3.44 14.25
CA ASP B 200 -9.43 -2.99 14.05
C ASP B 200 -10.33 -4.15 13.70
N THR B 201 -9.83 -5.09 12.90
CA THR B 201 -10.61 -6.27 12.59
C THR B 201 -10.99 -6.99 13.87
N LEU B 202 -10.02 -7.19 14.75
CA LEU B 202 -10.20 -7.94 15.97
C LEU B 202 -11.12 -7.23 16.94
N ALA B 203 -10.96 -5.93 17.08
CA ALA B 203 -11.89 -5.09 17.87
C ALA B 203 -13.34 -5.24 17.44
N GLN B 204 -13.55 -5.29 16.14
CA GLN B 204 -14.90 -5.42 15.58
C GLN B 204 -15.48 -6.78 15.87
N ILE B 205 -14.67 -7.82 15.68
CA ILE B 205 -15.02 -9.20 16.04
C ILE B 205 -15.42 -9.31 17.52
N ALA B 206 -14.59 -8.77 18.40
CA ALA B 206 -14.92 -8.72 19.82
C ALA B 206 -16.26 -7.99 20.00
N HIS B 207 -16.45 -6.83 19.37
CA HIS B 207 -17.70 -6.07 19.48
C HIS B 207 -18.92 -6.92 19.11
N ASP B 208 -18.83 -7.60 17.99
CA ASP B 208 -19.91 -8.42 17.46
C ASP B 208 -20.33 -9.54 18.40
N ASN B 209 -19.41 -10.04 19.24
CA ASN B 209 -19.67 -11.20 20.10
C ASN B 209 -19.61 -10.88 21.58
N THR B 210 -19.69 -9.62 21.97
CA THR B 210 -19.61 -9.22 23.40
C THR B 210 -18.41 -9.79 24.14
N TRP B 211 -17.26 -9.74 23.47
CA TRP B 211 -15.94 -10.02 24.03
C TRP B 211 -15.16 -8.70 24.13
N THR B 212 -14.01 -8.72 24.77
CA THR B 212 -13.18 -7.55 24.88
C THR B 212 -11.95 -7.76 24.05
N TYR B 213 -11.52 -6.76 23.31
CA TYR B 213 -10.17 -6.79 22.73
C TYR B 213 -9.27 -5.79 23.42
N THR B 214 -8.07 -6.22 23.76
CA THR B 214 -7.11 -5.41 24.43
C THR B 214 -5.80 -5.41 23.65
N ALA B 215 -5.51 -4.29 22.98
CA ALA B 215 -4.27 -4.12 22.24
C ALA B 215 -3.17 -4.31 23.22
N GLY B 216 -2.12 -5.03 22.82
CA GLY B 216 -0.91 -5.11 23.62
C GLY B 216 0.24 -4.38 22.97
N THR B 217 1.46 -4.81 23.30
CA THR B 217 2.60 -4.01 22.96
C THR B 217 3.10 -4.45 21.60
N ILE B 218 3.67 -3.50 20.89
CA ILE B 218 4.23 -3.74 19.57
C ILE B 218 5.59 -4.45 19.70
N VAL B 219 5.84 -5.46 18.85
CA VAL B 219 7.14 -6.11 18.74
C VAL B 219 7.89 -5.64 17.46
N GLU B 220 8.98 -4.90 17.68
CA GLU B 220 9.89 -4.48 16.58
C GLU B 220 10.96 -5.53 16.30
N ASP B 221 11.04 -5.97 15.06
CA ASP B 221 12.15 -6.82 14.63
C ASP B 221 12.43 -6.68 13.16
N PRO B 222 13.11 -5.60 12.84
CA PRO B 222 13.30 -5.24 11.44
C PRO B 222 14.32 -6.14 10.73
N THR B 223 15.23 -6.74 11.52
CA THR B 223 16.26 -7.66 10.98
C THR B 223 15.78 -9.03 10.54
N LEU B 224 14.53 -9.37 10.84
CA LEU B 224 14.01 -10.61 10.28
C LEU B 224 14.05 -10.54 8.76
N ASP B 225 14.33 -11.69 8.13
CA ASP B 225 14.28 -11.83 6.68
C ASP B 225 12.87 -11.89 6.14
N ASP B 226 11.90 -11.78 7.03
CA ASP B 226 10.52 -11.97 6.65
C ASP B 226 10.04 -11.04 5.51
N ALA B 227 10.45 -9.79 5.50
CA ALA B 227 10.12 -8.86 4.38
C ALA B 227 10.78 -9.30 3.09
N HIS B 228 12.05 -9.64 3.15
CA HIS B 228 12.76 -10.11 1.97
C HIS B 228 12.03 -11.27 1.30
N TRP B 229 11.59 -12.26 2.06
CA TRP B 229 10.87 -13.38 1.45
C TRP B 229 9.50 -13.04 0.98
N GLU B 230 8.79 -12.16 1.67
CA GLU B 230 7.45 -11.81 1.27
C GLU B 230 7.45 -11.00 -0.01
N ILE B 231 8.41 -10.08 -0.14
CA ILE B 231 8.60 -9.30 -1.37
C ILE B 231 8.89 -10.24 -2.58
N ALA B 232 9.80 -11.19 -2.38
CA ALA B 232 10.07 -12.23 -3.37
C ALA B 232 8.81 -13.04 -3.75
N THR B 233 8.01 -13.43 -2.76
CA THR B 233 6.77 -14.14 -3.05
C THR B 233 5.85 -13.29 -3.93
N THR B 234 5.77 -11.99 -3.65
CA THR B 234 4.82 -11.12 -4.35
C THR B 234 5.24 -11.00 -5.80
N ASN B 235 6.54 -10.87 -6.05
CA ASN B 235 7.02 -10.77 -7.42
C ASN B 235 6.68 -12.05 -8.16
N ALA B 236 6.93 -13.17 -7.50
CA ALA B 236 6.74 -14.49 -8.10
C ALA B 236 5.27 -14.80 -8.41
N LEU B 237 4.36 -14.26 -7.61
CA LEU B 237 2.93 -14.56 -7.75
C LEU B 237 2.33 -13.94 -9.03
N LEU B 238 2.97 -12.92 -9.55
CA LEU B 238 2.67 -12.47 -10.92
C LEU B 238 2.86 -13.61 -11.94
N THR B 239 3.82 -14.50 -11.71
CA THR B 239 4.05 -15.62 -12.62
C THR B 239 3.15 -16.79 -12.31
N GLU B 240 2.96 -17.09 -11.03
CA GLU B 240 2.23 -18.29 -10.61
C GLU B 240 0.70 -18.12 -10.66
N LEU B 241 0.19 -16.95 -10.30
CA LEU B 241 -1.25 -16.72 -10.33
C LEU B 241 -1.76 -16.67 -11.76
N LYS B 242 -2.98 -17.17 -11.98
CA LYS B 242 -3.66 -17.04 -13.26
C LYS B 242 -4.29 -15.65 -13.27
N LEU B 243 -3.59 -14.72 -13.90
CA LEU B 243 -4.03 -13.33 -14.00
C LEU B 243 -4.32 -13.04 -15.45
N SER B 244 -5.20 -12.06 -15.68
CA SER B 244 -5.42 -11.55 -17.01
C SER B 244 -4.15 -10.84 -17.43
N THR B 245 -3.96 -10.69 -18.75
CA THR B 245 -2.83 -9.95 -19.28
C THR B 245 -2.89 -8.52 -18.80
N ASP B 246 -4.09 -7.95 -18.74
CA ASP B 246 -4.23 -6.54 -18.37
C ASP B 246 -3.85 -6.32 -16.90
N LEU B 247 -4.38 -7.13 -15.99
CA LEU B 247 -4.07 -6.98 -14.56
C LEU B 247 -2.58 -7.15 -14.33
N ARG B 248 -1.99 -8.14 -14.99
CA ARG B 248 -0.55 -8.41 -14.91
C ARG B 248 0.25 -7.17 -15.12
N ASP B 249 -0.06 -6.51 -16.23
CA ASP B 249 0.71 -5.39 -16.76
C ASP B 249 0.38 -4.09 -16.02
N ARG B 250 -0.70 -4.05 -15.26
CA ARG B 250 -0.92 -2.96 -14.30
C ARG B 250 -0.23 -3.20 -12.95
N VAL B 251 -0.09 -4.46 -12.55
CA VAL B 251 0.55 -4.77 -11.27
C VAL B 251 2.06 -4.74 -11.43
N LYS B 252 2.54 -5.17 -12.61
CA LYS B 252 3.97 -5.35 -12.85
C LYS B 252 4.83 -4.15 -12.38
N PRO B 253 4.35 -2.91 -12.63
CA PRO B 253 5.02 -1.69 -12.19
C PRO B 253 4.78 -1.25 -10.73
N LEU B 254 3.68 -1.68 -10.10
CA LEU B 254 3.56 -1.60 -8.63
C LEU B 254 4.67 -2.41 -7.96
N LEU B 255 5.04 -3.52 -8.60
CA LEU B 255 6.14 -4.35 -8.12
C LEU B 255 7.46 -3.58 -8.24
N GLU B 256 7.67 -2.91 -9.36
CA GLU B 256 8.90 -2.13 -9.52
C GLU B 256 8.93 -1.00 -8.48
N ALA B 257 7.79 -0.34 -8.29
CA ALA B 257 7.65 0.66 -7.21
C ALA B 257 8.00 0.13 -5.83
N SER B 259 10.02 -2.14 -5.18
CA SER B 259 11.46 -2.39 -5.11
C SER B 259 12.25 -1.24 -4.51
N HIS B 260 11.72 -0.01 -4.54
CA HIS B 260 12.43 1.15 -4.00
C HIS B 260 12.04 1.51 -2.56
N ASN B 261 11.22 0.70 -1.91
CA ASN B 261 10.66 1.07 -0.59
C ASN B 261 11.18 0.23 0.58
N GLY B 262 12.36 -0.35 0.40
CA GLY B 262 13.08 -1.02 1.47
C GLY B 262 12.74 -2.48 1.65
N THR B 263 13.55 -3.19 2.43
CA THR B 263 13.29 -4.62 2.66
C THR B 263 13.33 -5.00 4.14
N ALA B 264 13.14 -4.04 5.05
CA ALA B 264 13.04 -4.36 6.48
C ALA B 264 11.67 -4.94 6.82
N SER B 265 11.59 -5.78 7.85
CA SER B 265 10.32 -6.36 8.27
C SER B 265 9.48 -5.41 9.11
N LEU B 266 8.16 -5.43 8.89
CA LEU B 266 7.19 -4.69 9.69
C LEU B 266 7.21 -5.03 11.18
N ALA B 267 6.74 -4.09 12.00
CA ALA B 267 6.51 -4.34 13.39
C ALA B 267 5.37 -5.36 13.44
N THR B 268 5.22 -5.96 14.62
CA THR B 268 4.20 -6.95 14.93
C THR B 268 3.30 -6.46 15.99
N PHE B 269 1.99 -6.49 15.72
CA PHE B 269 1.02 -6.11 16.74
C PHE B 269 0.68 -7.32 17.61
N THR B 270 0.28 -7.09 18.85
CA THR B 270 -0.14 -8.20 19.72
C THR B 270 -1.38 -7.74 20.41
N GLY B 271 -2.18 -8.68 20.91
CA GLY B 271 -3.38 -8.36 21.62
C GLY B 271 -4.12 -9.60 22.10
N ARG B 272 -5.19 -9.38 22.84
CA ARG B 272 -5.95 -10.45 23.50
C ARG B 272 -7.43 -10.26 23.33
N ILE B 273 -8.11 -11.33 22.95
CA ILE B 273 -9.56 -11.38 23.00
CA ILE B 273 -9.57 -11.39 23.00
C ILE B 273 -9.93 -12.13 24.28
N THR B 274 -10.61 -11.46 25.20
CA THR B 274 -11.06 -12.08 26.42
C THR B 274 -12.54 -12.38 26.30
N PHE B 275 -12.86 -13.65 26.44
CA PHE B 275 -14.21 -14.13 26.20
C PHE B 275 -15.14 -13.75 27.36
#